data_7PIH
#
_entry.id   7PIH
#
_cell.length_a   58.490
_cell.length_b   73.255
_cell.length_c   109.029
_cell.angle_alpha   90.000
_cell.angle_beta   90.000
_cell.angle_gamma   90.000
#
_symmetry.space_group_name_H-M   'P 21 21 21'
#
loop_
_entity.id
_entity.type
_entity.pdbx_description
1 polymer 'cAMP-dependent protein kinase catalytic subunit alpha'
2 polymer 'cAMP-dependent protein kinase inhibitor alpha'
3 non-polymer 6-[3-[[(3~{R})-3-azanylpyrrolidin-1-yl]methyl]phenyl]-4~{H}-isoquinolin-1-one
4 non-polymer (4S)-2-METHYL-2,4-PENTANEDIOL
5 non-polymer 'CHLORIDE ION'
6 water water
#
loop_
_entity_poly.entity_id
_entity_poly.type
_entity_poly.pdbx_seq_one_letter_code
_entity_poly.pdbx_strand_id
1 'polypeptide(L)'
;GHMGNAAAAKKG(SEP)EQESVKEFLAKAKEEFLKKWESPSQNTAQLDHFDRIKTLGTGSFGRVMLVKHKETGNHYAMKI
LDKQKVVKLKQIEHTLNEKRILQAVNFPFLVKLEFSFKDNSNLYMVMEYVPGGEMFSHLRRIGRF(SEP)EPHARFYAAQ
IVLTFEYLHSLDLIYRDLKPENLLIDQQGYIQVTDFGFAKRVKGRTW(TPO)LCGTPEYLAPEIILSKGYNKAVDWWALG
VLIYEMAAGYPPFFADQPIQIYEKIVSGKVRFPSHFSSDLKDLLRNLLQVDLTKRFGNLKNGVNDIKNHKWFATTDWIAI
YQRKVEAPFIPKFKGPGDTSNFDDYEEEEIRV(SEP)INEKCGKEFTEF
;
A
2 'polypeptide(L)' TTYADFIASGRTGRRNAIHD B
#
loop_
_chem_comp.id
_chem_comp.type
_chem_comp.name
_chem_comp.formula
7QW non-polymer 6-[3-[[(3~{R})-3-azanylpyrrolidin-1-yl]methyl]phenyl]-4~{H}-isoquinolin-1-one 'C20 H21 N3 O'
CL non-polymer 'CHLORIDE ION' 'Cl -1'
MPD non-polymer (4S)-2-METHYL-2,4-PENTANEDIOL 'C6 H14 O2'
#
# COMPACT_ATOMS: atom_id res chain seq x y z
N GLY A 1 30.34 18.96 12.18
CA GLY A 1 29.41 18.10 11.42
C GLY A 1 28.00 18.44 11.83
N HIS A 2 27.01 17.71 11.29
CA HIS A 2 25.63 17.98 11.64
C HIS A 2 25.22 17.49 13.02
N MET A 3 25.93 16.51 13.58
CA MET A 3 25.59 15.95 14.88
C MET A 3 26.77 16.03 15.85
N GLY A 4 26.49 16.36 17.10
CA GLY A 4 27.46 16.18 18.17
C GLY A 4 27.54 14.71 18.53
N ASN A 5 28.36 14.42 19.53
CA ASN A 5 28.70 13.04 19.86
C ASN A 5 27.47 12.26 20.30
N ALA A 6 26.66 12.83 21.19
CA ALA A 6 25.52 12.07 21.73
C ALA A 6 24.53 11.74 20.62
N ALA A 7 24.22 12.71 19.78
CA ALA A 7 23.25 12.49 18.72
C ALA A 7 23.79 11.49 17.70
N ALA A 8 25.07 11.57 17.37
CA ALA A 8 25.64 10.65 16.39
C ALA A 8 25.64 9.22 16.92
N ALA A 9 25.98 9.04 18.19
CA ALA A 9 25.98 7.72 18.81
C ALA A 9 24.58 7.14 18.86
N LYS A 10 23.59 7.97 19.21
CA LYS A 10 22.20 7.52 19.29
C LYS A 10 21.71 7.09 17.92
N LYS A 11 21.99 7.90 16.88
CA LYS A 11 21.57 7.55 15.54
C LYS A 11 22.24 6.28 15.06
N GLY A 12 23.55 6.13 15.29
CA GLY A 12 24.23 4.91 14.89
C GLY A 12 23.63 3.67 15.53
N SEP A 13 23.39 3.76 16.84
CA SEP A 13 22.82 2.65 17.58
CB SEP A 13 22.78 2.98 19.08
OG SEP A 13 22.04 1.98 19.72
C SEP A 13 21.42 2.29 17.04
O SEP A 13 21.10 1.10 16.86
P SEP A 13 22.53 1.61 21.20
O1P SEP A 13 21.40 0.67 21.69
O2P SEP A 13 22.62 2.91 22.03
O3P SEP A 13 23.97 0.98 21.05
H SEP A 13 23.57 4.45 17.31
HA SEP A 13 23.39 1.86 17.48
HB2 SEP A 13 22.33 3.85 19.20
HB3 SEP A 13 23.67 3.01 19.43
N GLU A 14 20.60 3.30 16.78
CA GLU A 14 19.26 3.09 16.23
C GLU A 14 19.34 2.36 14.88
N GLN A 15 20.29 2.76 14.04
CA GLN A 15 20.40 2.16 12.72
C GLN A 15 20.88 0.71 12.82
N GLU A 16 21.81 0.43 13.74
CA GLU A 16 22.20 -0.95 13.96
C GLU A 16 21.07 -1.79 14.50
N SER A 17 20.24 -1.21 15.37
CA SER A 17 19.09 -1.94 15.89
C SER A 17 18.08 -2.29 14.80
N VAL A 18 17.87 -1.39 13.86
CA VAL A 18 17.02 -1.72 12.71
C VAL A 18 17.56 -2.94 11.99
N LYS A 19 18.89 -2.97 11.75
CA LYS A 19 19.45 -4.12 11.06
C LYS A 19 19.15 -5.39 11.83
N GLU A 20 19.29 -5.36 13.16
CA GLU A 20 19.05 -6.53 13.97
C GLU A 20 17.58 -6.97 13.91
N PHE A 21 16.65 -6.02 13.98
CA PHE A 21 15.23 -6.31 13.82
C PHE A 21 14.94 -6.96 12.48
N LEU A 22 15.48 -6.40 11.41
CA LEU A 22 15.18 -6.89 10.07
C LEU A 22 15.75 -8.28 9.85
N ALA A 23 16.90 -8.58 10.43
CA ALA A 23 17.45 -9.93 10.27
C ALA A 23 16.54 -10.95 10.92
N LYS A 24 16.01 -10.64 12.10
CA LYS A 24 15.09 -11.56 12.75
C LYS A 24 13.78 -11.65 11.97
N ALA A 25 13.30 -10.53 11.44
CA ALA A 25 12.04 -10.54 10.72
C ALA A 25 12.14 -11.34 9.43
N LYS A 26 13.30 -11.29 8.77
N LYS A 26 13.30 -11.31 8.78
CA LYS A 26 13.51 -12.10 7.58
CA LYS A 26 13.50 -12.10 7.57
C LYS A 26 13.46 -13.58 7.91
C LYS A 26 13.51 -13.59 7.88
N GLU A 27 14.14 -13.99 8.99
CA GLU A 27 14.11 -15.40 9.39
C GLU A 27 12.67 -15.85 9.66
N GLU A 28 11.87 -15.02 10.33
CA GLU A 28 10.48 -15.41 10.60
C GLU A 28 9.68 -15.49 9.30
N PHE A 29 9.86 -14.52 8.40
CA PHE A 29 9.15 -14.54 7.12
C PHE A 29 9.49 -15.79 6.33
N LEU A 30 10.78 -16.16 6.28
CA LEU A 30 11.18 -17.28 5.44
C LEU A 30 10.59 -18.58 5.94
N LYS A 31 10.40 -18.74 7.26
CA LYS A 31 9.76 -19.95 7.79
C LYS A 31 8.33 -20.09 7.29
N LYS A 32 7.55 -18.99 7.31
CA LYS A 32 6.16 -19.02 6.87
C LYS A 32 6.03 -19.05 5.35
N TRP A 33 6.99 -18.46 4.64
CA TRP A 33 6.98 -18.49 3.18
C TRP A 33 7.15 -19.89 2.67
N GLU A 34 7.91 -20.70 3.40
CA GLU A 34 8.15 -22.08 3.01
C GLU A 34 7.05 -23.02 3.46
N SER A 35 6.26 -22.65 4.46
CA SER A 35 5.21 -23.51 4.99
C SER A 35 3.91 -22.75 5.17
N PRO A 36 3.24 -22.39 4.07
CA PRO A 36 2.08 -21.49 4.17
C PRO A 36 0.88 -22.13 4.87
N SER A 37 0.05 -21.27 5.45
CA SER A 37 -1.19 -21.71 6.09
C SER A 37 -2.29 -21.87 5.06
N GLN A 38 -3.19 -22.81 5.33
CA GLN A 38 -4.27 -23.13 4.39
C GLN A 38 -5.51 -23.58 5.14
N ASN A 39 -6.67 -23.27 4.58
CA ASN A 39 -7.95 -23.92 4.93
C ASN A 39 -8.25 -23.78 6.43
N THR A 40 -8.36 -22.53 6.86
CA THR A 40 -8.54 -22.23 8.27
C THR A 40 -9.97 -21.85 8.64
N ALA A 41 -10.92 -21.88 7.70
CA ALA A 41 -12.32 -21.62 8.04
C ALA A 41 -13.21 -22.09 6.88
N GLN A 42 -14.51 -21.78 6.96
CA GLN A 42 -15.45 -22.11 5.90
C GLN A 42 -16.54 -21.04 5.77
N LEU A 43 -17.22 -21.04 4.62
CA LEU A 43 -18.10 -19.93 4.29
C LEU A 43 -19.25 -19.80 5.27
N ASP A 44 -19.88 -20.92 5.63
CA ASP A 44 -21.01 -20.85 6.55
C ASP A 44 -20.62 -20.44 7.96
N HIS A 45 -19.34 -20.16 8.22
CA HIS A 45 -18.93 -19.60 9.50
C HIS A 45 -19.23 -18.11 9.61
N PHE A 46 -19.63 -17.45 8.51
CA PHE A 46 -19.78 -16.00 8.48
C PHE A 46 -21.11 -15.61 7.87
N ASP A 47 -21.66 -14.50 8.37
CA ASP A 47 -22.79 -13.84 7.74
C ASP A 47 -22.25 -12.71 6.87
N ARG A 48 -22.77 -12.57 5.67
CA ARG A 48 -22.32 -11.50 4.78
C ARG A 48 -23.21 -10.29 4.98
N ILE A 49 -22.58 -9.14 5.19
CA ILE A 49 -23.29 -7.91 5.61
C ILE A 49 -23.41 -6.89 4.49
N LYS A 50 -22.28 -6.49 3.89
CA LYS A 50 -22.31 -5.38 2.96
C LYS A 50 -21.06 -5.39 2.12
N THR A 51 -21.18 -5.01 0.85
CA THR A 51 -20.01 -4.88 -0.01
C THR A 51 -19.29 -3.57 0.29
N LEU A 52 -17.99 -3.67 0.51
CA LEU A 52 -17.14 -2.53 0.83
C LEU A 52 -16.35 -2.01 -0.36
N GLY A 53 -16.18 -2.83 -1.40
CA GLY A 53 -15.43 -2.46 -2.59
C GLY A 53 -15.49 -3.60 -3.60
N THR A 54 -15.22 -3.25 -4.86
CA THR A 54 -15.27 -4.24 -5.93
C THR A 54 -14.04 -4.12 -6.82
N GLY A 55 -13.74 -5.24 -7.52
CA GLY A 55 -12.68 -5.29 -8.48
C GLY A 55 -13.07 -6.19 -9.64
N SER A 56 -12.11 -6.37 -10.57
CA SER A 56 -12.38 -7.18 -11.74
C SER A 56 -12.52 -8.66 -11.39
N PHE A 57 -11.82 -9.12 -10.35
CA PHE A 57 -11.88 -10.52 -9.98
C PHE A 57 -13.00 -10.82 -8.97
N GLY A 58 -13.53 -9.82 -8.29
CA GLY A 58 -14.52 -10.09 -7.26
C GLY A 58 -14.83 -8.87 -6.41
N ARG A 59 -15.09 -9.11 -5.13
CA ARG A 59 -15.49 -8.04 -4.24
C ARG A 59 -14.92 -8.26 -2.85
N VAL A 60 -14.99 -7.23 -2.04
CA VAL A 60 -14.68 -7.33 -0.62
C VAL A 60 -15.96 -7.04 0.14
N MET A 61 -16.33 -7.94 1.06
CA MET A 61 -17.53 -7.77 1.86
C MET A 61 -17.21 -7.72 3.34
N LEU A 62 -17.95 -6.88 4.05
CA LEU A 62 -17.96 -6.99 5.50
C LEU A 62 -18.73 -8.25 5.86
N VAL A 63 -18.14 -9.08 6.71
CA VAL A 63 -18.75 -10.29 7.21
C VAL A 63 -18.66 -10.30 8.73
N LYS A 64 -19.51 -11.12 9.34
CA LYS A 64 -19.52 -11.31 10.78
C LYS A 64 -19.36 -12.80 11.05
N HIS A 65 -18.34 -13.14 11.82
CA HIS A 65 -18.13 -14.53 12.19
C HIS A 65 -19.21 -14.96 13.17
N LYS A 66 -19.92 -16.03 12.85
CA LYS A 66 -21.12 -16.39 13.62
C LYS A 66 -20.77 -16.73 15.06
N GLU A 67 -19.75 -17.56 15.26
CA GLU A 67 -19.48 -18.06 16.61
C GLU A 67 -19.07 -16.93 17.54
N THR A 68 -18.27 -15.97 17.03
CA THR A 68 -17.66 -14.96 17.88
C THR A 68 -18.31 -13.59 17.78
N GLY A 69 -19.04 -13.33 16.69
CA GLY A 69 -19.56 -12.01 16.46
C GLY A 69 -18.54 -11.02 15.93
N ASN A 70 -17.29 -11.44 15.74
CA ASN A 70 -16.28 -10.53 15.20
C ASN A 70 -16.49 -10.24 13.72
N HIS A 71 -16.22 -9.00 13.33
CA HIS A 71 -16.32 -8.59 11.94
C HIS A 71 -14.97 -8.71 11.25
N TYR A 72 -15.02 -9.04 9.96
CA TYR A 72 -13.85 -9.19 9.10
C TYR A 72 -14.21 -8.67 7.71
N ALA A 73 -13.18 -8.46 6.87
CA ALA A 73 -13.36 -8.11 5.47
C ALA A 73 -13.00 -9.32 4.63
N MET A 74 -13.99 -9.85 3.90
N MET A 74 -13.98 -9.86 3.91
CA MET A 74 -13.81 -11.08 3.12
CA MET A 74 -13.75 -11.07 3.13
C MET A 74 -13.68 -10.71 1.64
C MET A 74 -13.66 -10.72 1.66
N LYS A 75 -12.50 -11.01 1.07
CA LYS A 75 -12.29 -10.84 -0.36
C LYS A 75 -12.72 -12.13 -1.04
N ILE A 76 -13.65 -12.01 -1.98
CA ILE A 76 -14.18 -13.15 -2.72
C ILE A 76 -13.70 -13.03 -4.15
N LEU A 77 -12.99 -14.05 -4.63
CA LEU A 77 -12.49 -14.09 -6.00
C LEU A 77 -13.13 -15.26 -6.73
N ASP A 78 -13.68 -14.99 -7.92
CA ASP A 78 -14.27 -16.04 -8.74
C ASP A 78 -13.17 -16.75 -9.51
N LYS A 79 -12.99 -18.05 -9.26
CA LYS A 79 -11.86 -18.77 -9.85
C LYS A 79 -11.87 -18.67 -11.37
N GLN A 80 -13.03 -18.86 -11.99
CA GLN A 80 -13.08 -18.83 -13.45
C GLN A 80 -12.69 -17.45 -13.98
N LYS A 81 -13.12 -16.38 -13.30
CA LYS A 81 -12.72 -15.05 -13.72
C LYS A 81 -11.22 -14.82 -13.54
N VAL A 82 -10.64 -15.31 -12.44
CA VAL A 82 -9.21 -15.17 -12.23
C VAL A 82 -8.45 -15.81 -13.38
N VAL A 83 -8.87 -17.00 -13.79
CA VAL A 83 -8.21 -17.68 -14.91
C VAL A 83 -8.39 -16.88 -16.19
N LYS A 84 -9.62 -16.46 -16.47
CA LYS A 84 -9.90 -15.74 -17.71
C LYS A 84 -9.02 -14.50 -17.83
N LEU A 85 -8.74 -13.82 -16.72
CA LEU A 85 -7.98 -12.57 -16.75
C LEU A 85 -6.49 -12.76 -16.47
N LYS A 86 -5.98 -13.99 -16.54
CA LYS A 86 -4.55 -14.28 -16.43
C LYS A 86 -3.97 -13.79 -15.09
N GLN A 87 -4.66 -14.10 -13.99
CA GLN A 87 -4.25 -13.63 -12.67
C GLN A 87 -4.01 -14.78 -11.69
N ILE A 88 -3.84 -16.01 -12.18
CA ILE A 88 -3.63 -17.14 -11.28
C ILE A 88 -2.41 -16.92 -10.40
N GLU A 89 -1.26 -16.66 -11.03
CA GLU A 89 -0.01 -16.50 -10.26
C GLU A 89 -0.11 -15.36 -9.27
N HIS A 90 -0.70 -14.23 -9.68
CA HIS A 90 -0.82 -13.08 -8.79
C HIS A 90 -1.70 -13.39 -7.59
N THR A 91 -2.79 -14.12 -7.80
N THR A 91 -2.79 -14.13 -7.80
CA THR A 91 -3.69 -14.45 -6.72
CA THR A 91 -3.69 -14.43 -6.69
C THR A 91 -3.04 -15.40 -5.73
C THR A 91 -3.05 -15.41 -5.72
N LEU A 92 -2.36 -16.44 -6.23
CA LEU A 92 -1.66 -17.35 -5.34
C LEU A 92 -0.55 -16.62 -4.59
N ASN A 93 0.19 -15.77 -5.31
CA ASN A 93 1.28 -15.03 -4.68
C ASN A 93 0.77 -14.06 -3.63
N GLU A 94 -0.35 -13.38 -3.89
N GLU A 94 -0.35 -13.38 -3.88
CA GLU A 94 -0.91 -12.45 -2.91
CA GLU A 94 -0.87 -12.45 -2.88
C GLU A 94 -1.20 -13.15 -1.59
C GLU A 94 -1.17 -13.17 -1.58
N LYS A 95 -1.84 -14.33 -1.67
CA LYS A 95 -2.16 -15.07 -0.46
C LYS A 95 -0.90 -15.54 0.23
N ARG A 96 0.09 -16.01 -0.53
CA ARG A 96 1.31 -16.51 0.08
C ARG A 96 2.05 -15.38 0.81
N ILE A 97 2.10 -14.19 0.22
CA ILE A 97 2.71 -13.06 0.90
C ILE A 97 1.95 -12.71 2.16
N LEU A 98 0.63 -12.56 2.05
CA LEU A 98 -0.16 -12.12 3.19
C LEU A 98 -0.01 -13.04 4.38
N GLN A 99 0.06 -14.35 4.14
CA GLN A 99 0.17 -15.25 5.27
C GLN A 99 1.56 -15.29 5.85
N ALA A 100 2.58 -14.80 5.13
CA ALA A 100 3.96 -14.88 5.60
C ALA A 100 4.51 -13.60 6.24
N VAL A 101 3.96 -12.43 5.89
CA VAL A 101 4.46 -11.17 6.44
C VAL A 101 3.81 -10.88 7.79
N ASN A 102 4.43 -9.96 8.54
CA ASN A 102 3.92 -9.56 9.85
C ASN A 102 4.50 -8.18 10.16
N PHE A 103 3.66 -7.16 10.14
CA PHE A 103 4.11 -5.80 10.42
C PHE A 103 2.88 -4.99 10.82
N PRO A 104 3.02 -3.96 11.66
CA PRO A 104 1.83 -3.34 12.23
C PRO A 104 0.98 -2.57 11.23
N PHE A 105 1.53 -2.23 10.06
CA PHE A 105 0.86 -1.47 9.03
C PHE A 105 0.51 -2.32 7.82
N LEU A 106 0.66 -3.63 7.89
CA LEU A 106 0.26 -4.55 6.83
C LEU A 106 -0.96 -5.32 7.28
N VAL A 107 -2.01 -5.32 6.46
CA VAL A 107 -3.26 -5.94 6.89
C VAL A 107 -3.02 -7.42 7.12
N LYS A 108 -3.70 -7.96 8.12
CA LYS A 108 -3.52 -9.35 8.47
C LYS A 108 -4.59 -10.24 7.85
N LEU A 109 -4.14 -11.39 7.39
CA LEU A 109 -5.02 -12.42 6.87
C LEU A 109 -5.39 -13.32 8.05
N GLU A 110 -6.67 -13.38 8.35
CA GLU A 110 -7.15 -14.09 9.52
C GLU A 110 -7.58 -15.50 9.19
N PHE A 111 -8.18 -15.69 8.02
CA PHE A 111 -8.56 -17.02 7.55
C PHE A 111 -8.48 -17.03 6.04
N SER A 112 -8.36 -18.22 5.46
CA SER A 112 -8.53 -18.37 4.03
C SER A 112 -9.08 -19.75 3.77
N PHE A 113 -9.78 -19.89 2.65
CA PHE A 113 -10.41 -21.15 2.25
C PHE A 113 -10.94 -20.98 0.84
N LYS A 114 -11.40 -22.09 0.25
CA LYS A 114 -11.96 -22.04 -1.09
C LYS A 114 -13.10 -23.05 -1.16
N ASP A 115 -13.90 -22.93 -2.23
CA ASP A 115 -15.00 -23.85 -2.46
C ASP A 115 -15.09 -24.10 -3.98
N ASN A 116 -16.20 -24.70 -4.40
CA ASN A 116 -16.37 -25.08 -5.80
C ASN A 116 -16.08 -23.90 -6.75
N SER A 117 -16.50 -22.69 -6.37
CA SER A 117 -16.54 -21.54 -7.27
C SER A 117 -15.48 -20.49 -6.97
N ASN A 118 -15.21 -20.21 -5.69
CA ASN A 118 -14.51 -19.00 -5.27
C ASN A 118 -13.33 -19.32 -4.38
N LEU A 119 -12.44 -18.33 -4.30
CA LEU A 119 -11.38 -18.22 -3.31
C LEU A 119 -11.79 -17.15 -2.31
N TYR A 120 -11.42 -17.34 -1.03
CA TYR A 120 -11.84 -16.44 0.03
C TYR A 120 -10.63 -16.08 0.89
N MET A 121 -10.39 -14.79 1.04
CA MET A 121 -9.36 -14.30 1.94
C MET A 121 -10.05 -13.42 2.98
N VAL A 122 -10.05 -13.87 4.24
CA VAL A 122 -10.75 -13.17 5.30
C VAL A 122 -9.69 -12.38 6.05
N MET A 123 -9.74 -11.08 5.92
CA MET A 123 -8.75 -10.17 6.46
C MET A 123 -9.35 -9.35 7.60
N GLU A 124 -8.48 -8.75 8.40
CA GLU A 124 -8.98 -7.79 9.38
C GLU A 124 -9.81 -6.74 8.68
N TYR A 125 -10.91 -6.36 9.31
CA TYR A 125 -11.72 -5.24 8.84
C TYR A 125 -11.08 -3.94 9.31
N VAL A 126 -10.84 -3.03 8.39
CA VAL A 126 -10.17 -1.77 8.67
C VAL A 126 -11.21 -0.67 8.53
N PRO A 127 -11.81 -0.21 9.62
CA PRO A 127 -13.11 0.46 9.50
C PRO A 127 -13.04 1.93 9.08
N GLY A 128 -11.88 2.56 9.06
CA GLY A 128 -11.77 3.97 8.73
C GLY A 128 -11.86 4.28 7.25
N GLY A 129 -11.86 3.28 6.39
CA GLY A 129 -12.00 3.55 4.96
C GLY A 129 -10.68 3.87 4.31
N GLU A 130 -10.75 4.18 3.01
N GLU A 130 -10.77 4.28 3.06
CA GLU A 130 -9.59 4.48 2.20
CA GLU A 130 -9.62 4.49 2.21
C GLU A 130 -9.07 5.87 2.49
C GLU A 130 -9.06 5.89 2.41
N MET A 131 -7.74 5.99 2.50
CA MET A 131 -7.12 7.29 2.55
C MET A 131 -7.62 8.18 1.42
N PHE A 132 -7.80 7.59 0.22
CA PHE A 132 -8.30 8.31 -0.93
C PHE A 132 -9.53 9.17 -0.60
N SER A 133 -10.52 8.56 0.03
N SER A 133 -10.53 8.59 0.05
CA SER A 133 -11.76 9.26 0.34
CA SER A 133 -11.76 9.34 0.27
C SER A 133 -11.50 10.46 1.25
C SER A 133 -11.58 10.45 1.30
N HIS A 134 -10.74 10.23 2.32
CA HIS A 134 -10.46 11.31 3.27
C HIS A 134 -9.67 12.43 2.63
N LEU A 135 -8.72 12.08 1.77
CA LEU A 135 -7.91 13.07 1.09
C LEU A 135 -8.77 13.94 0.16
N ARG A 136 -9.61 13.31 -0.68
CA ARG A 136 -10.46 14.09 -1.57
C ARG A 136 -11.44 14.95 -0.78
N ARG A 137 -11.92 14.44 0.36
N ARG A 137 -11.93 14.45 0.35
CA ARG A 137 -12.90 15.16 1.17
CA ARG A 137 -12.90 15.22 1.13
C ARG A 137 -12.26 16.38 1.83
C ARG A 137 -12.25 16.41 1.82
N ILE A 138 -11.12 16.19 2.50
CA ILE A 138 -10.43 17.26 3.24
C ILE A 138 -9.73 18.19 2.27
N GLY A 139 -9.31 17.69 1.12
CA GLY A 139 -8.64 18.44 0.08
C GLY A 139 -7.17 18.12 0.04
N ARG A 140 -6.46 18.49 1.10
N ARG A 140 -6.47 18.44 1.11
CA ARG A 140 -5.07 18.13 1.27
CA ARG A 140 -5.06 18.09 1.26
C ARG A 140 -4.83 17.91 2.76
C ARG A 140 -4.75 18.00 2.74
N PHE A 141 -3.74 17.21 3.06
CA PHE A 141 -3.29 17.04 4.44
C PHE A 141 -2.18 18.03 4.75
N SEP A 142 -2.20 18.62 5.94
CA SEP A 142 -1.10 19.48 6.35
CB SEP A 142 -1.38 20.09 7.72
OG SEP A 142 -1.24 19.09 8.71
C SEP A 142 0.19 18.66 6.40
O SEP A 142 0.16 17.44 6.47
P SEP A 142 -1.84 19.43 10.17
O1P SEP A 142 -3.45 19.40 10.04
O2P SEP A 142 -1.31 20.88 10.61
O3P SEP A 142 -1.25 18.28 11.08
HA SEP A 142 -1.00 20.20 5.70
HB2 SEP A 142 -2.28 20.43 7.73
HB3 SEP A 142 -0.74 20.80 7.88
N GLU A 143 1.35 19.31 6.37
CA GLU A 143 2.58 18.56 6.34
C GLU A 143 2.76 17.61 7.51
N PRO A 144 2.42 18.00 8.75
CA PRO A 144 2.58 17.01 9.85
C PRO A 144 1.68 15.79 9.66
N HIS A 145 0.48 16.01 9.13
CA HIS A 145 -0.48 14.93 8.91
C HIS A 145 0.03 14.01 7.80
N ALA A 146 0.49 14.59 6.68
CA ALA A 146 1.09 13.79 5.62
C ALA A 146 2.31 13.03 6.13
N ARG A 147 3.13 13.68 6.95
CA ARG A 147 4.34 13.08 7.47
C ARG A 147 4.03 11.85 8.33
N PHE A 148 3.00 11.94 9.17
CA PHE A 148 2.62 10.80 9.99
C PHE A 148 2.33 9.57 9.13
N TYR A 149 1.56 9.74 8.04
CA TYR A 149 1.31 8.62 7.14
C TYR A 149 2.57 8.20 6.38
N ALA A 150 3.35 9.17 5.89
CA ALA A 150 4.56 8.85 5.14
C ALA A 150 5.52 8.02 5.96
N ALA A 151 5.65 8.33 7.26
CA ALA A 151 6.57 7.59 8.11
C ALA A 151 6.18 6.12 8.18
N GLN A 152 4.87 5.85 8.23
CA GLN A 152 4.43 4.47 8.26
C GLN A 152 4.77 3.75 6.97
N ILE A 153 4.65 4.43 5.83
CA ILE A 153 5.02 3.81 4.56
C ILE A 153 6.53 3.57 4.50
N VAL A 154 7.33 4.53 4.96
CA VAL A 154 8.78 4.34 4.98
C VAL A 154 9.14 3.08 5.76
N LEU A 155 8.57 2.92 6.96
CA LEU A 155 8.89 1.74 7.76
C LEU A 155 8.40 0.46 7.09
N THR A 156 7.21 0.52 6.48
CA THR A 156 6.65 -0.67 5.83
C THR A 156 7.50 -1.10 4.65
N PHE A 157 7.95 -0.14 3.83
CA PHE A 157 8.83 -0.48 2.72
C PHE A 157 10.20 -0.91 3.20
N GLU A 158 10.72 -0.32 4.29
CA GLU A 158 11.97 -0.82 4.84
C GLU A 158 11.85 -2.29 5.19
N TYR A 159 10.73 -2.66 5.83
CA TYR A 159 10.44 -4.06 6.15
C TYR A 159 10.31 -4.91 4.88
N LEU A 160 9.41 -4.52 3.96
CA LEU A 160 9.18 -5.34 2.78
C LEU A 160 10.46 -5.53 1.97
N HIS A 161 11.21 -4.45 1.78
CA HIS A 161 12.41 -4.53 0.97
C HIS A 161 13.46 -5.43 1.59
N SER A 162 13.51 -5.49 2.92
CA SER A 162 14.44 -6.39 3.59
C SER A 162 14.12 -7.83 3.27
N LEU A 163 12.86 -8.14 2.97
CA LEU A 163 12.40 -9.47 2.57
C LEU A 163 12.52 -9.68 1.08
N ASP A 164 13.10 -8.73 0.36
CA ASP A 164 13.19 -8.76 -1.09
C ASP A 164 11.84 -8.66 -1.75
N LEU A 165 10.86 -8.06 -1.10
CA LEU A 165 9.55 -7.84 -1.71
C LEU A 165 9.46 -6.40 -2.23
N ILE A 166 9.04 -6.23 -3.48
CA ILE A 166 8.70 -4.93 -4.04
C ILE A 166 7.18 -4.85 -4.06
N TYR A 167 6.63 -3.72 -3.67
CA TYR A 167 5.20 -3.58 -3.51
C TYR A 167 4.48 -3.23 -4.80
N ARG A 168 4.91 -2.17 -5.48
CA ARG A 168 4.50 -1.83 -6.85
C ARG A 168 3.09 -1.30 -7.00
N ASP A 169 2.33 -1.05 -5.95
CA ASP A 169 1.03 -0.42 -6.18
C ASP A 169 0.65 0.57 -5.11
N LEU A 170 1.61 1.37 -4.65
CA LEU A 170 1.30 2.40 -3.68
C LEU A 170 0.43 3.48 -4.29
N LYS A 171 -0.64 3.88 -3.58
CA LYS A 171 -1.52 5.00 -3.94
C LYS A 171 -2.52 5.13 -2.81
N PRO A 172 -3.18 6.29 -2.66
CA PRO A 172 -4.15 6.45 -1.55
C PRO A 172 -5.28 5.43 -1.57
N GLU A 173 -5.66 4.97 -2.76
CA GLU A 173 -6.73 4.00 -2.90
C GLU A 173 -6.40 2.68 -2.21
N ASN A 174 -5.13 2.37 -1.99
CA ASN A 174 -4.71 1.09 -1.40
C ASN A 174 -4.33 1.20 0.07
N LEU A 175 -4.55 2.34 0.67
CA LEU A 175 -4.18 2.57 2.06
C LEU A 175 -5.46 2.80 2.86
N LEU A 176 -5.74 1.94 3.82
CA LEU A 176 -6.91 2.07 4.66
C LEU A 176 -6.48 2.67 5.98
N ILE A 177 -7.42 3.34 6.65
N ILE A 177 -7.42 3.33 6.67
CA ILE A 177 -7.17 3.94 7.95
CA ILE A 177 -7.16 3.94 7.96
C ILE A 177 -7.89 3.13 9.02
C ILE A 177 -7.89 3.16 9.05
N ASP A 178 -7.14 2.72 10.05
CA ASP A 178 -7.70 1.93 11.13
C ASP A 178 -8.33 2.79 12.22
N GLN A 179 -8.89 2.12 13.23
CA GLN A 179 -9.66 2.85 14.24
C GLN A 179 -8.80 3.79 15.06
N GLN A 180 -7.49 3.58 15.10
CA GLN A 180 -6.58 4.45 15.81
C GLN A 180 -5.97 5.50 14.89
N GLY A 181 -6.35 5.54 13.62
CA GLY A 181 -5.83 6.53 12.69
C GLY A 181 -4.55 6.13 12.00
N TYR A 182 -4.08 4.90 12.18
CA TYR A 182 -2.88 4.41 11.51
C TYR A 182 -3.26 3.72 10.18
N ILE A 183 -2.27 3.57 9.31
N ILE A 183 -2.27 3.57 9.33
CA ILE A 183 -2.44 3.02 7.97
CA ILE A 183 -2.43 3.00 7.99
C ILE A 183 -2.36 1.50 7.99
C ILE A 183 -2.41 1.48 8.04
N GLN A 184 -3.17 0.90 7.11
CA GLN A 184 -3.10 -0.52 6.77
C GLN A 184 -2.92 -0.61 5.26
N VAL A 185 -1.80 -1.18 4.85
CA VAL A 185 -1.52 -1.38 3.46
C VAL A 185 -2.25 -2.60 3.06
N THR A 186 -3.00 -2.46 1.97
N THR A 186 -3.02 -2.46 1.97
CA THR A 186 -3.73 -3.58 1.44
CA THR A 186 -3.79 -3.55 1.40
C THR A 186 -3.33 -3.76 -0.02
C THR A 186 -3.35 -3.74 -0.04
N ASP A 187 -3.63 -4.94 -0.50
CA ASP A 187 -3.58 -5.33 -1.91
C ASP A 187 -2.17 -5.61 -2.37
N PHE A 188 -1.78 -6.88 -2.20
CA PHE A 188 -0.47 -7.39 -2.59
C PHE A 188 -0.50 -8.08 -3.94
N GLY A 189 -1.50 -7.74 -4.78
CA GLY A 189 -1.66 -8.37 -6.06
C GLY A 189 -0.51 -8.15 -7.03
N PHE A 190 0.22 -7.04 -6.90
CA PHE A 190 1.36 -6.80 -7.79
C PHE A 190 2.71 -6.96 -7.09
N ALA A 191 2.73 -7.38 -5.84
CA ALA A 191 3.98 -7.46 -5.10
C ALA A 191 4.74 -8.67 -5.61
N LYS A 192 6.07 -8.58 -5.58
CA LYS A 192 6.89 -9.67 -6.11
C LYS A 192 8.16 -9.80 -5.29
N ARG A 193 8.63 -11.03 -5.13
CA ARG A 193 9.95 -11.28 -4.56
C ARG A 193 11.00 -10.98 -5.63
N VAL A 194 11.80 -9.95 -5.41
CA VAL A 194 12.81 -9.48 -6.35
C VAL A 194 14.04 -9.04 -5.57
N LYS A 195 15.11 -9.84 -5.57
CA LYS A 195 16.36 -9.40 -4.97
C LYS A 195 17.17 -8.57 -5.96
N GLY A 196 16.98 -8.84 -7.25
CA GLY A 196 17.70 -8.12 -8.30
C GLY A 196 16.76 -7.20 -9.05
N ARG A 197 16.41 -7.56 -10.28
CA ARG A 197 15.54 -6.74 -11.10
C ARG A 197 14.36 -7.53 -11.58
N THR A 198 13.36 -6.79 -12.05
CA THR A 198 12.20 -7.36 -12.70
C THR A 198 11.77 -6.43 -13.83
N TRP A 199 10.85 -6.89 -14.69
CA TRP A 199 10.54 -6.19 -15.93
C TRP A 199 9.05 -5.91 -16.23
N TPO A 200 8.12 -6.39 -15.44
CA TPO A 200 6.70 -6.28 -15.83
CB TPO A 200 5.81 -7.12 -14.92
CG2 TPO A 200 4.35 -7.19 -15.44
OG1 TPO A 200 6.33 -8.45 -14.86
P TPO A 200 6.88 -8.99 -13.42
O1P TPO A 200 7.54 -10.30 -13.76
O2P TPO A 200 5.66 -9.15 -12.48
O3P TPO A 200 7.88 -7.91 -12.93
C TPO A 200 6.23 -4.85 -15.80
O TPO A 200 6.46 -4.12 -14.81
H TPO A 200 8.25 -6.77 -14.68
HA TPO A 200 6.59 -6.62 -16.75
HB TPO A 200 5.80 -6.68 -13.91
HG21 TPO A 200 3.75 -7.78 -14.77
HG22 TPO A 200 4.36 -7.65 -16.43
HG23 TPO A 200 3.95 -6.18 -15.52
N LEU A 201 5.47 -4.44 -16.80
CA LEU A 201 4.74 -3.19 -16.77
C LEU A 201 3.51 -3.37 -15.91
N CYS A 202 3.52 -2.78 -14.73
CA CYS A 202 2.38 -2.87 -13.83
C CYS A 202 2.41 -1.67 -12.88
N GLY A 203 1.26 -1.35 -12.34
CA GLY A 203 1.09 -0.23 -11.42
C GLY A 203 -0.01 0.68 -11.91
N THR A 204 -0.08 1.88 -11.35
CA THR A 204 -1.11 2.85 -11.69
C THR A 204 -0.44 4.06 -12.33
N PRO A 205 -0.99 4.60 -13.44
CA PRO A 205 -0.22 5.57 -14.24
C PRO A 205 0.46 6.70 -13.47
N GLU A 206 -0.28 7.40 -12.61
CA GLU A 206 0.27 8.53 -11.88
C GLU A 206 1.43 8.15 -10.98
N TYR A 207 1.52 6.88 -10.57
CA TYR A 207 2.51 6.43 -9.58
C TYR A 207 3.65 5.64 -10.21
N LEU A 208 3.66 5.48 -11.54
CA LEU A 208 4.72 4.71 -12.19
C LEU A 208 6.06 5.44 -12.23
N ALA A 209 7.12 4.74 -11.83
CA ALA A 209 8.46 5.28 -11.97
C ALA A 209 8.86 5.35 -13.43
N PRO A 210 9.75 6.29 -13.78
CA PRO A 210 10.17 6.41 -15.17
C PRO A 210 10.73 5.13 -15.74
N GLU A 211 11.52 4.38 -14.97
CA GLU A 211 12.14 3.20 -15.50
C GLU A 211 11.11 2.13 -15.87
N ILE A 212 9.95 2.12 -15.21
CA ILE A 212 8.88 1.21 -15.63
C ILE A 212 8.31 1.68 -16.97
N ILE A 213 7.98 2.96 -17.06
CA ILE A 213 7.43 3.52 -18.31
C ILE A 213 8.35 3.27 -19.48
N LEU A 214 9.65 3.37 -19.26
CA LEU A 214 10.66 3.26 -20.30
C LEU A 214 11.05 1.82 -20.56
N SER A 215 10.33 0.85 -19.99
CA SER A 215 10.54 -0.56 -20.31
C SER A 215 11.95 -1.03 -19.96
N LYS A 216 12.46 -0.56 -18.83
N LYS A 216 12.46 -0.56 -18.83
CA LYS A 216 13.75 -1.00 -18.34
CA LYS A 216 13.76 -0.99 -18.34
C LYS A 216 13.56 -2.14 -17.34
C LYS A 216 13.58 -2.07 -17.28
N GLY A 217 14.65 -2.83 -17.02
CA GLY A 217 14.66 -3.63 -15.80
C GLY A 217 14.68 -2.69 -14.60
N TYR A 218 13.95 -3.03 -13.55
CA TYR A 218 13.87 -2.13 -12.41
C TYR A 218 13.89 -2.91 -11.10
N ASN A 219 14.01 -2.16 -10.02
CA ASN A 219 14.25 -2.72 -8.70
C ASN A 219 13.36 -2.00 -7.68
N LYS A 220 13.65 -2.25 -6.40
CA LYS A 220 12.87 -1.69 -5.30
C LYS A 220 12.81 -0.18 -5.31
N ALA A 221 13.71 0.49 -6.04
CA ALA A 221 13.67 1.95 -6.12
C ALA A 221 12.36 2.48 -6.67
N VAL A 222 11.61 1.67 -7.42
CA VAL A 222 10.32 2.14 -7.92
C VAL A 222 9.37 2.45 -6.77
N ASP A 223 9.50 1.74 -5.64
CA ASP A 223 8.64 2.00 -4.50
C ASP A 223 9.00 3.34 -3.85
N TRP A 224 10.28 3.71 -3.85
CA TRP A 224 10.69 5.00 -3.29
C TRP A 224 10.21 6.16 -4.17
N TRP A 225 10.24 5.98 -5.50
CA TRP A 225 9.62 6.95 -6.40
C TRP A 225 8.14 7.10 -6.05
N ALA A 226 7.43 5.97 -5.93
CA ALA A 226 6.00 6.03 -5.63
C ALA A 226 5.74 6.70 -4.29
N LEU A 227 6.63 6.52 -3.29
CA LEU A 227 6.47 7.25 -2.04
C LEU A 227 6.51 8.75 -2.29
N GLY A 228 7.42 9.22 -3.15
CA GLY A 228 7.44 10.62 -3.49
C GLY A 228 6.13 11.10 -4.07
N VAL A 229 5.55 10.30 -4.98
CA VAL A 229 4.25 10.68 -5.56
C VAL A 229 3.21 10.76 -4.46
N LEU A 230 3.19 9.77 -3.56
CA LEU A 230 2.21 9.74 -2.49
C LEU A 230 2.33 10.94 -1.56
N ILE A 231 3.56 11.25 -1.12
CA ILE A 231 3.75 12.39 -0.23
C ILE A 231 3.28 13.66 -0.92
N TYR A 232 3.68 13.84 -2.17
CA TYR A 232 3.24 15.01 -2.93
C TYR A 232 1.72 15.08 -2.94
N GLU A 233 1.06 13.98 -3.32
CA GLU A 233 -0.40 14.03 -3.44
C GLU A 233 -1.07 14.28 -2.08
N MET A 234 -0.56 13.67 -1.00
CA MET A 234 -1.13 13.94 0.32
C MET A 234 -1.02 15.42 0.67
N ALA A 235 0.13 16.03 0.39
CA ALA A 235 0.37 17.40 0.82
C ALA A 235 -0.21 18.45 -0.11
N ALA A 236 -0.40 18.13 -1.39
CA ALA A 236 -0.94 19.07 -2.37
C ALA A 236 -2.43 18.88 -2.59
N GLY A 237 -2.91 17.65 -2.50
CA GLY A 237 -4.27 17.29 -2.85
C GLY A 237 -4.41 16.76 -4.26
N TYR A 238 -3.33 16.78 -5.04
CA TYR A 238 -3.30 16.27 -6.40
C TYR A 238 -1.90 15.73 -6.62
N PRO A 239 -1.73 14.79 -7.53
CA PRO A 239 -0.41 14.21 -7.75
C PRO A 239 0.48 15.10 -8.60
N PRO A 240 1.78 14.80 -8.63
CA PRO A 240 2.73 15.68 -9.34
C PRO A 240 2.57 15.62 -10.83
N PHE A 241 2.11 14.49 -11.37
CA PHE A 241 2.02 14.29 -12.82
C PHE A 241 0.60 13.82 -13.16
N PHE A 242 -0.13 14.62 -13.91
CA PHE A 242 -1.48 14.26 -14.28
C PHE A 242 -1.76 14.88 -15.64
N ALA A 243 -2.77 14.35 -16.31
CA ALA A 243 -3.17 14.77 -17.65
C ALA A 243 -4.42 13.97 -17.99
N ASP A 244 -5.05 14.31 -19.12
CA ASP A 244 -6.27 13.62 -19.54
C ASP A 244 -6.03 12.15 -19.85
N GLN A 245 -4.90 11.85 -20.44
CA GLN A 245 -4.65 10.49 -20.90
C GLN A 245 -3.33 10.00 -20.34
N PRO A 246 -3.24 8.69 -20.03
CA PRO A 246 -1.98 8.16 -19.50
C PRO A 246 -0.73 8.53 -20.30
N ILE A 247 -0.76 8.51 -21.63
CA ILE A 247 0.48 8.80 -22.37
C ILE A 247 1.03 10.19 -22.02
N GLN A 248 0.16 11.17 -21.83
CA GLN A 248 0.64 12.50 -21.46
C GLN A 248 1.17 12.52 -20.04
N ILE A 249 0.60 11.70 -19.15
CA ILE A 249 1.16 11.56 -17.80
C ILE A 249 2.58 11.01 -17.91
N TYR A 250 2.77 9.98 -18.73
CA TYR A 250 4.08 9.33 -18.86
C TYR A 250 5.14 10.30 -19.38
N GLU A 251 4.77 11.17 -20.33
CA GLU A 251 5.72 12.17 -20.81
C GLU A 251 6.18 13.09 -19.69
N LYS A 252 5.27 13.48 -18.80
CA LYS A 252 5.64 14.33 -17.69
C LYS A 252 6.53 13.59 -16.70
N ILE A 253 6.19 12.33 -16.39
CA ILE A 253 6.98 11.54 -15.45
C ILE A 253 8.43 11.45 -15.92
N VAL A 254 8.64 11.12 -17.20
CA VAL A 254 10.02 10.89 -17.65
C VAL A 254 10.80 12.19 -17.88
N SER A 255 10.14 13.35 -17.86
CA SER A 255 10.77 14.63 -18.22
C SER A 255 11.87 15.09 -17.27
N GLY A 256 11.84 14.70 -16.02
CA GLY A 256 12.73 15.24 -15.01
C GLY A 256 12.30 16.56 -14.41
N LYS A 257 11.10 17.04 -14.75
CA LYS A 257 10.56 18.28 -14.23
C LYS A 257 9.38 17.97 -13.33
N VAL A 258 9.34 18.64 -12.19
CA VAL A 258 8.22 18.58 -11.26
C VAL A 258 8.09 19.97 -10.67
N ARG A 259 6.85 20.42 -10.50
CA ARG A 259 6.52 21.72 -9.95
C ARG A 259 5.77 21.51 -8.65
N PHE A 260 5.90 22.43 -7.72
CA PHE A 260 5.37 22.33 -6.38
C PHE A 260 4.45 23.49 -6.04
N PRO A 261 3.42 23.25 -5.22
CA PRO A 261 2.63 24.35 -4.68
C PRO A 261 3.47 25.30 -3.84
N SER A 262 3.05 26.57 -3.80
CA SER A 262 3.81 27.56 -3.03
C SER A 262 3.76 27.29 -1.53
N HIS A 263 2.79 26.53 -1.05
CA HIS A 263 2.74 26.23 0.39
C HIS A 263 3.63 25.08 0.81
N PHE A 264 4.27 24.35 -0.11
CA PHE A 264 5.20 23.31 0.30
C PHE A 264 6.42 23.94 0.97
N SER A 265 6.83 23.40 2.10
CA SER A 265 8.06 23.81 2.76
C SER A 265 9.27 23.45 1.90
N SER A 266 10.37 24.19 2.12
N SER A 266 10.36 24.18 2.11
CA SER A 266 11.60 23.88 1.40
CA SER A 266 11.59 23.88 1.39
C SER A 266 12.08 22.47 1.74
C SER A 266 12.12 22.50 1.75
N ASP A 267 11.95 22.06 3.00
CA ASP A 267 12.35 20.70 3.37
C ASP A 267 11.55 19.67 2.59
N LEU A 268 10.24 19.88 2.45
CA LEU A 268 9.44 18.93 1.69
C LEU A 268 9.87 18.89 0.23
N LYS A 269 10.09 20.07 -0.39
CA LYS A 269 10.51 20.09 -1.78
C LYS A 269 11.85 19.38 -1.97
N ASP A 270 12.76 19.55 -1.01
CA ASP A 270 14.04 18.86 -1.11
C ASP A 270 13.85 17.34 -1.07
N LEU A 271 13.08 16.86 -0.11
CA LEU A 271 12.83 15.43 -0.05
C LEU A 271 12.23 14.92 -1.36
N LEU A 272 11.22 15.63 -1.86
CA LEU A 272 10.52 15.16 -3.06
C LEU A 272 11.40 15.21 -4.29
N ARG A 273 12.31 16.18 -4.43
CA ARG A 273 13.21 16.17 -5.58
C ARG A 273 14.15 14.98 -5.53
N ASN A 274 14.49 14.51 -4.33
CA ASN A 274 15.36 13.35 -4.18
C ASN A 274 14.62 12.02 -4.31
N LEU A 275 13.32 11.97 -4.03
CA LEU A 275 12.53 10.78 -4.30
C LEU A 275 12.08 10.71 -5.75
N LEU A 276 11.61 11.83 -6.29
CA LEU A 276 11.15 11.95 -7.68
C LEU A 276 12.31 12.26 -8.59
N GLN A 277 13.38 11.50 -8.44
CA GLN A 277 14.61 11.64 -9.18
C GLN A 277 14.60 10.61 -10.31
N VAL A 278 14.63 11.09 -11.54
N VAL A 278 14.65 11.10 -11.55
CA VAL A 278 14.59 10.16 -12.67
CA VAL A 278 14.58 10.20 -12.70
C VAL A 278 15.85 9.31 -12.69
C VAL A 278 15.88 9.42 -12.89
N ASP A 279 16.99 9.91 -12.34
CA ASP A 279 18.31 9.25 -12.43
C ASP A 279 18.47 8.29 -11.25
N LEU A 280 18.48 7.02 -11.54
CA LEU A 280 18.54 6.02 -10.48
C LEU A 280 19.80 6.12 -9.64
N THR A 281 20.89 6.68 -10.18
CA THR A 281 22.12 6.77 -9.40
C THR A 281 22.04 7.86 -8.36
N LYS A 282 20.91 8.56 -8.32
CA LYS A 282 20.76 9.68 -7.45
C LYS A 282 19.51 9.59 -6.59
N ARG A 283 18.66 8.59 -6.78
CA ARG A 283 17.36 8.57 -6.10
C ARG A 283 17.51 8.08 -4.66
N PHE A 284 16.94 8.83 -3.73
CA PHE A 284 16.93 8.40 -2.35
C PHE A 284 16.23 7.07 -2.21
N GLY A 285 16.78 6.23 -1.35
CA GLY A 285 16.35 4.88 -1.19
C GLY A 285 17.14 3.91 -2.03
N ASN A 286 17.90 4.42 -3.00
CA ASN A 286 18.69 3.60 -3.94
C ASN A 286 20.19 3.84 -3.86
N LEU A 287 20.65 4.57 -2.85
CA LEU A 287 22.06 4.92 -2.72
C LEU A 287 22.72 4.04 -1.68
N LYS A 288 24.02 4.25 -1.48
CA LYS A 288 24.78 3.45 -0.53
C LYS A 288 24.17 3.47 0.87
N ASN A 289 23.64 4.62 1.30
N ASN A 289 23.63 4.60 1.30
CA ASN A 289 23.05 4.80 2.62
CA ASN A 289 23.06 4.69 2.64
C ASN A 289 21.63 4.24 2.72
C ASN A 289 21.61 4.24 2.71
N GLY A 290 21.07 3.72 1.62
CA GLY A 290 19.80 3.04 1.70
C GLY A 290 18.66 3.89 2.23
N VAL A 291 17.85 3.27 3.08
CA VAL A 291 16.65 3.92 3.61
C VAL A 291 17.05 5.08 4.54
N ASN A 292 18.28 5.07 5.05
CA ASN A 292 18.70 6.10 5.98
C ASN A 292 18.71 7.49 5.35
N ASP A 293 18.94 7.61 4.04
CA ASP A 293 18.87 8.92 3.41
C ASP A 293 17.48 9.52 3.57
N ILE A 294 16.46 8.67 3.54
CA ILE A 294 15.09 9.14 3.72
C ILE A 294 14.81 9.42 5.20
N LYS A 295 15.09 8.44 6.07
CA LYS A 295 14.73 8.55 7.46
C LYS A 295 15.47 9.69 8.15
N ASN A 296 16.68 10.03 7.69
CA ASN A 296 17.49 11.09 8.29
C ASN A 296 17.31 12.44 7.59
N HIS A 297 16.39 12.53 6.64
CA HIS A 297 16.16 13.80 5.96
C HIS A 297 15.50 14.81 6.90
N LYS A 298 15.84 16.09 6.71
N LYS A 298 15.81 16.09 6.68
CA LYS A 298 15.29 17.16 7.53
CA LYS A 298 15.27 17.15 7.52
C LYS A 298 13.76 17.10 7.65
C LYS A 298 13.76 17.13 7.64
N TRP A 299 13.05 16.74 6.58
CA TRP A 299 11.58 16.74 6.66
C TRP A 299 11.08 15.77 7.72
N PHE A 300 11.86 14.72 8.03
CA PHE A 300 11.50 13.74 9.04
C PHE A 300 12.19 13.98 10.38
N ALA A 301 12.78 15.16 10.60
CA ALA A 301 13.56 15.38 11.80
C ALA A 301 12.74 15.25 13.08
N THR A 302 11.44 15.54 13.02
CA THR A 302 10.57 15.42 14.19
C THR A 302 9.97 14.03 14.34
N THR A 303 10.26 13.10 13.46
CA THR A 303 9.64 11.78 13.48
C THR A 303 10.40 10.86 14.44
N ASP A 304 9.68 10.31 15.41
CA ASP A 304 10.22 9.30 16.32
C ASP A 304 9.85 7.94 15.73
N TRP A 305 10.79 7.35 15.00
CA TRP A 305 10.50 6.15 14.22
C TRP A 305 10.01 5.00 15.09
N ILE A 306 10.65 4.79 16.25
CA ILE A 306 10.21 3.72 17.14
C ILE A 306 8.81 3.98 17.67
N ALA A 307 8.51 5.24 18.02
CA ALA A 307 7.18 5.54 18.53
C ALA A 307 6.11 5.29 17.47
N ILE A 308 6.41 5.58 16.20
CA ILE A 308 5.47 5.27 15.12
C ILE A 308 5.25 3.76 15.03
N TYR A 309 6.35 3.01 15.01
CA TYR A 309 6.26 1.54 14.96
C TYR A 309 5.44 0.99 16.11
N GLN A 310 5.62 1.52 17.33
CA GLN A 310 4.91 1.07 18.51
C GLN A 310 3.51 1.62 18.60
N ARG A 311 3.11 2.47 17.66
CA ARG A 311 1.78 3.06 17.60
C ARG A 311 1.47 3.90 18.83
N LYS A 312 2.50 4.59 19.32
CA LYS A 312 2.39 5.42 20.50
C LYS A 312 2.27 6.90 20.18
N VAL A 313 2.29 7.27 18.92
CA VAL A 313 2.07 8.63 18.49
C VAL A 313 0.56 8.88 18.34
N GLU A 314 0.08 10.01 18.82
CA GLU A 314 -1.33 10.35 18.63
C GLU A 314 -1.57 10.69 17.16
N ALA A 315 -2.56 10.03 16.58
CA ALA A 315 -2.83 10.24 15.18
C ALA A 315 -3.45 11.61 14.94
N PRO A 316 -3.19 12.21 13.79
CA PRO A 316 -3.78 13.52 13.48
C PRO A 316 -5.26 13.47 13.22
N PHE A 317 -5.80 12.30 12.91
CA PHE A 317 -7.16 12.15 12.44
C PHE A 317 -7.66 10.77 12.86
N ILE A 318 -8.78 10.72 13.57
CA ILE A 318 -9.43 9.48 13.96
C ILE A 318 -10.73 9.39 13.19
N PRO A 319 -10.90 8.40 12.30
CA PRO A 319 -12.16 8.33 11.55
C PRO A 319 -13.35 8.12 12.46
N LYS A 320 -14.50 8.56 11.97
CA LYS A 320 -15.78 8.30 12.65
C LYS A 320 -15.99 6.81 12.80
N PHE A 321 -16.49 6.41 13.97
CA PHE A 321 -16.66 4.99 14.28
C PHE A 321 -17.80 4.85 15.27
N LYS A 322 -18.90 4.23 14.83
CA LYS A 322 -20.07 4.04 15.67
C LYS A 322 -20.10 2.70 16.38
N GLY A 323 -19.34 1.71 15.91
CA GLY A 323 -19.35 0.39 16.51
C GLY A 323 -18.70 -0.65 15.64
N PRO A 324 -18.69 -1.90 16.10
CA PRO A 324 -17.89 -2.96 15.43
C PRO A 324 -18.15 -3.12 13.94
N GLY A 325 -19.37 -2.97 13.47
CA GLY A 325 -19.67 -3.22 12.08
C GLY A 325 -20.03 -1.98 11.30
N ASP A 326 -19.62 -0.82 11.78
CA ASP A 326 -19.90 0.43 11.08
C ASP A 326 -19.20 0.44 9.73
N THR A 327 -19.96 0.63 8.66
CA THR A 327 -19.41 0.71 7.30
C THR A 327 -19.49 2.11 6.70
N SER A 328 -19.71 3.14 7.53
N SER A 328 -19.73 3.14 7.53
CA SER A 328 -19.98 4.48 7.03
CA SER A 328 -19.95 4.49 7.03
C SER A 328 -18.79 5.17 6.38
C SER A 328 -18.81 4.97 6.13
N ASN A 329 -17.57 4.61 6.46
CA ASN A 329 -16.42 5.18 5.79
C ASN A 329 -16.15 4.53 4.44
N PHE A 330 -17.02 3.62 4.00
CA PHE A 330 -16.94 3.00 2.69
C PHE A 330 -18.15 3.37 1.86
N ASP A 331 -17.99 3.25 0.55
CA ASP A 331 -19.05 3.59 -0.38
C ASP A 331 -20.10 2.51 -0.41
N ASP A 332 -21.17 2.81 -1.12
CA ASP A 332 -22.27 1.89 -1.34
C ASP A 332 -22.12 1.28 -2.72
N TYR A 333 -22.33 -0.02 -2.79
CA TYR A 333 -22.21 -0.77 -4.03
C TYR A 333 -23.43 -1.65 -4.20
N GLU A 334 -23.78 -1.93 -5.46
CA GLU A 334 -24.87 -2.88 -5.71
C GLU A 334 -24.48 -4.25 -5.19
N GLU A 335 -25.40 -4.87 -4.45
CA GLU A 335 -25.16 -6.18 -3.89
C GLU A 335 -25.59 -7.28 -4.85
N GLU A 336 -24.84 -8.38 -4.87
CA GLU A 336 -25.13 -9.53 -5.71
C GLU A 336 -24.90 -10.82 -4.93
N GLU A 337 -25.82 -11.77 -5.06
CA GLU A 337 -25.72 -13.02 -4.33
C GLU A 337 -24.48 -13.81 -4.78
N ILE A 338 -23.93 -14.59 -3.85
CA ILE A 338 -22.78 -15.44 -4.12
C ILE A 338 -23.31 -16.84 -4.44
N ARG A 339 -23.03 -17.32 -5.65
CA ARG A 339 -23.49 -18.61 -6.12
C ARG A 339 -22.34 -19.60 -6.12
N VAL A 340 -22.42 -20.62 -5.27
CA VAL A 340 -21.45 -21.71 -5.25
C VAL A 340 -21.99 -22.83 -6.12
N SEP A 341 -21.16 -23.28 -7.04
CA SEP A 341 -21.60 -24.26 -8.03
CB SEP A 341 -21.02 -23.87 -9.39
OG SEP A 341 -20.71 -24.98 -10.18
C SEP A 341 -21.24 -25.69 -7.66
O SEP A 341 -20.60 -25.96 -6.65
P SEP A 341 -21.87 -25.24 -11.26
O1P SEP A 341 -21.35 -26.38 -12.25
O2P SEP A 341 -22.14 -23.87 -12.08
O3P SEP A 341 -23.22 -25.69 -10.50
HA SEP A 341 -22.58 -24.20 -8.10
HB2 SEP A 341 -20.22 -23.34 -9.24
HB3 SEP A 341 -21.67 -23.32 -9.86
N ILE A 342 -21.75 -26.65 -8.47
CA ILE A 342 -21.28 -28.03 -8.42
C ILE A 342 -20.11 -28.21 -9.38
N ASN A 343 -19.54 -27.09 -9.84
CA ASN A 343 -18.24 -27.12 -10.51
C ASN A 343 -17.16 -27.15 -9.45
N GLU A 344 -16.19 -28.04 -9.61
CA GLU A 344 -14.93 -27.89 -8.86
C GLU A 344 -14.02 -26.94 -9.60
N LYS A 345 -14.58 -25.84 -10.09
CA LYS A 345 -14.00 -25.14 -11.22
C LYS A 345 -12.55 -24.80 -10.94
N CYS A 346 -11.67 -25.25 -11.83
CA CYS A 346 -10.26 -24.86 -11.81
C CYS A 346 -9.55 -25.40 -10.57
N GLY A 347 -9.83 -26.64 -10.20
CA GLY A 347 -9.19 -27.20 -9.01
C GLY A 347 -7.69 -27.27 -9.12
N LYS A 348 -7.19 -27.80 -10.23
CA LYS A 348 -5.74 -27.97 -10.39
C LYS A 348 -5.02 -26.64 -10.25
N GLU A 349 -5.57 -25.59 -10.86
CA GLU A 349 -4.88 -24.31 -10.86
C GLU A 349 -4.71 -23.75 -9.47
N PHE A 350 -5.64 -24.01 -8.55
CA PHE A 350 -5.64 -23.36 -7.24
C PHE A 350 -5.34 -24.34 -6.11
N THR A 351 -4.73 -25.50 -6.42
CA THR A 351 -4.34 -26.47 -5.40
C THR A 351 -3.61 -25.83 -4.22
N GLU A 352 -2.70 -24.90 -4.50
CA GLU A 352 -1.88 -24.32 -3.44
C GLU A 352 -2.62 -23.31 -2.60
N PHE A 353 -3.79 -22.84 -3.03
CA PHE A 353 -4.49 -21.82 -2.28
C PHE A 353 -5.05 -22.42 -0.99
N THR B 1 -5.26 27.53 -12.66
CA THR B 1 -4.41 27.07 -11.57
C THR B 1 -4.11 25.59 -11.72
N THR B 2 -3.12 25.10 -10.97
CA THR B 2 -2.80 23.68 -11.03
C THR B 2 -3.98 22.84 -10.58
N TYR B 3 -4.67 23.26 -9.51
CA TYR B 3 -5.86 22.54 -9.07
C TYR B 3 -6.92 22.48 -10.17
N ALA B 4 -7.18 23.60 -10.84
CA ALA B 4 -8.15 23.58 -11.94
C ALA B 4 -7.70 22.63 -13.04
N ASP B 5 -6.40 22.60 -13.32
CA ASP B 5 -5.89 21.65 -14.30
C ASP B 5 -6.11 20.20 -13.87
N PHE B 6 -5.98 19.94 -12.56
CA PHE B 6 -6.28 18.60 -12.05
C PHE B 6 -7.74 18.24 -12.28
N ILE B 7 -8.64 19.15 -11.94
CA ILE B 7 -10.06 18.91 -12.20
C ILE B 7 -10.29 18.64 -13.68
N ALA B 8 -9.63 19.42 -14.54
CA ALA B 8 -9.80 19.29 -16.00
C ALA B 8 -9.30 17.95 -16.54
N SER B 9 -8.38 17.30 -15.84
CA SER B 9 -7.84 16.01 -16.31
C SER B 9 -8.90 14.91 -16.32
N GLY B 10 -9.94 15.05 -15.51
CA GLY B 10 -10.91 13.99 -15.32
C GLY B 10 -10.43 12.82 -14.51
N ARG B 11 -9.27 12.90 -13.89
CA ARG B 11 -8.70 11.78 -13.16
C ARG B 11 -8.67 12.09 -11.67
N THR B 12 -9.78 12.62 -11.16
CA THR B 12 -9.93 12.91 -9.74
C THR B 12 -10.54 11.77 -8.96
N GLY B 13 -11.08 10.74 -9.61
CA GLY B 13 -11.67 9.61 -8.92
C GLY B 13 -10.66 8.50 -8.69
N ARG B 14 -11.16 7.39 -8.18
CA ARG B 14 -10.30 6.24 -7.92
C ARG B 14 -9.69 5.75 -9.22
N ARG B 15 -8.39 5.49 -9.20
CA ARG B 15 -7.62 5.17 -10.38
C ARG B 15 -7.33 3.68 -10.43
N ASN B 16 -7.59 3.07 -11.58
CA ASN B 16 -7.28 1.66 -11.73
C ASN B 16 -5.81 1.46 -12.06
N ALA B 17 -5.30 0.30 -11.68
CA ALA B 17 -4.01 -0.14 -12.19
C ALA B 17 -4.11 -0.50 -13.66
N ILE B 18 -2.95 -0.57 -14.30
CA ILE B 18 -2.83 -0.98 -15.70
C ILE B 18 -3.49 -2.32 -15.96
N HIS B 19 -3.44 -3.24 -14.99
CA HIS B 19 -4.04 -4.57 -15.19
C HIS B 19 -5.51 -4.44 -15.56
O 7QW C . -11.40 -3.78 5.70
C14 7QW C . -10.66 -4.23 4.75
N2 7QW C . -9.66 -5.06 5.04
C15 7QW C . -8.91 -5.53 4.02
C16 7QW C . -9.09 -5.16 2.72
C17 7QW C . -10.14 -4.27 2.39
C13 7QW C . -10.98 -3.81 3.43
C12 7QW C . -12.05 -2.93 3.09
C11 7QW C . -12.25 -2.52 1.81
C18 7QW C . -10.38 -3.81 1.07
C10 7QW C . -11.41 -2.93 0.78
C8 7QW C . -11.60 -2.41 -0.60
C7 7QW C . -12.28 -1.20 -0.81
C6 7QW C . -12.46 -0.72 -2.09
C5 7QW C . -11.96 -1.43 -3.18
C9 7QW C . -11.13 -3.11 -1.69
C4 7QW C . -11.26 -2.62 -2.98
C3 7QW C . -10.46 -3.23 -4.10
N1 7QW C . -9.15 -2.58 -4.22
C2 7QW C . -9.24 -1.15 -4.52
C1 7QW C . -7.89 -0.77 -5.08
C19 7QW C . -8.32 -3.14 -5.29
C 7QW C . -7.50 -2.00 -5.89
N 7QW C . -6.08 -2.28 -5.66
C1 MPD D . 10.65 0.53 13.46
C2 MPD D . 11.61 -0.65 13.33
O2 MPD D . 12.92 -0.07 13.13
CM MPD D . 11.66 -1.49 14.61
C3 MPD D . 11.38 -1.56 12.11
C4 MPD D . 11.42 -0.86 10.74
O4 MPD D . 12.67 -0.35 10.52
C5 MPD D . 11.19 -1.69 9.50
H11 MPD D . 9.95 0.51 12.63
H12 MPD D . 10.11 0.46 14.40
H13 MPD D . 11.21 1.46 13.43
HO2 MPD D . 13.29 -0.40 12.29
HM1 MPD D . 11.53 -2.54 14.36
HM2 MPD D . 12.63 -1.35 15.10
HM3 MPD D . 10.87 -1.17 15.29
H31 MPD D . 10.41 -2.05 12.22
H32 MPD D . 12.14 -2.35 12.12
H4 MPD D . 10.69 -0.06 10.75
HO4 MPD D . 12.71 0.58 10.84
H51 MPD D . 12.07 -1.62 8.86
H52 MPD D . 11.04 -2.74 9.78
H53 MPD D . 10.31 -1.33 8.97
CL CL E . 19.94 -8.54 -15.60
#